data_8I3S
#
_entry.id   8I3S
#
_cell.length_a   1.00
_cell.length_b   1.00
_cell.length_c   1.00
_cell.angle_alpha   90.00
_cell.angle_beta   90.00
_cell.angle_gamma   90.00
#
_symmetry.space_group_name_H-M   'P 1'
#
loop_
_entity.id
_entity.type
_entity.pdbx_description
1 polymer 'Spike glycoprotein'
2 polymer 'Heavy chain od Fab 7B3'
3 polymer 'Light chain of Fab 7B3'
4 non-polymer 2-acetamido-2-deoxy-beta-D-glucopyranose
#
loop_
_entity_poly.entity_id
_entity_poly.type
_entity_poly.pdbx_seq_one_letter_code
_entity_poly.pdbx_strand_id
1 'polypeptide(L)'
;QCVNLTTRTQLPPAYTNSFTRGVYYPDKVFRSSVLHSTQDLFLPFFSNVTWFHAIHVSGTNGTKRFDNPVLPFNDGVYFA
STEKSNIIRGWIFGTTLDSKTQSLLIVNNATNVVIKVCEFQFCNDPFLGVYYHKNNKSWMESEFRVYSSANNCTFEYVSQ
PFLMDLEGKQGNFKNLREFVFKNIDGYFKIYSKHTPINLVRDLPQGFSALEPLVDLPIGINITRFQTLLALHRSYLTPGD
SSSGWTAGAAAYYVGYLQPRTFLLKYNENGTITDAVDCALDPLSETKCTLKSFTVEKGIYQTSNFRVQPTESIVRFPNIT
NLCPFGEVFNATRFASVYAWNRKRISNCVADYSVLYNSASFSTFKCYGVSPTKLNDLCFTNVYADSFVIRGDEVRQIAPG
QTGKIADYNYKLPDDFTGCVIAWNSNNLDSKVGGNYNYLYRLFRKSNLKPFERDISTEIYQAGSTPCNGVEGFNCYFPLQ
SYGFQPTNGVGYQPYRVVVLSFELLHAPATVCGPKKSTNLVKNKCVNFNFNGLTGTGVLTESNKKFLPFQQFGRDIADTT
DAVRDPQTLEILDITPCSFGGVSVITPGTNTSNQVAVLYQDVNCTEVPVAIHADQLTPTWRVYSTGSNVFQTRAGCLIGA
EHVNNSYECDIPIGAGICASYQTQTNSPASVASQSIIAYTMSLGAENSVAYSNNSIAIPTNFTISVTTEILPVSMTKTSV
DCTMYICGDSTECSNLLLQYGSFCTQLNRALTGIAVEQDKNTQEVFAQVKQIYKTPPIKDFGGFNFSQILPDPSKPSKRS
PIEDLLFNKVTLADAGFIKQYGDCLGDIAARDLICAQKFNGLTVLPPLLTDEMIAQYTSALLAGTITSGWTFGAGPALQI
PFPMQMAYRFNGIGVTQNVLYENQKLIANQFNSAIGKIQDSLSSTPSALGKLQDVVNQNAQALNTLVKQLSSNFGAISSV
LNDILSRLDPPEAEVQIDRLITGRLQSLQTYVTQQLIRAAEIRASANLAATKMSECVLGQSKRVDFCGKGYHLMSFPQSA
PHGVVFLHVTYVPAQEKNFTTAPAICHDGKAHFPREGVFVSNGTHWFVTQRNFYEPQIITTDNTFVSGNCDVVIGIVNNT
VYDPLQPELDSFKEELDKYFKNHTSPDVDLGDISGINASVVNIQKEIDRLNEVAKNLNESLIDLQELGKYEQYIKWPSGR
LVPRGSPGSGYIPEAPRDGQAYVRKDGEWVLLSTFLGHHHHHH
;
A
2 'polypeptide(L)'
;QVQLVQSGAEMKNFGSSVKVSCKASGGTFSINWVRQAPGLGLEYMGRIIPALDRAIYTQKFQGRVTITADKSTSTVYMEL
SGLRSEDTAVYYCARSVVGPTPNYFDPWGQGTLVTVSSASTKGPSVFPLAPSSKSTSGGTAALGCLVKDYFPEPVTVSWN
SGALTSGVHTFPAVLQSSGLYSLSSVVTVPSSSLGTQTYICNVNHKPSNTKVDKKVEPKSCDKTHHHHHH
;
H
3 'polypeptide(L)'
;EIVMTQSPATLSVSPGERATLSCRASQSVSSDLAWYQQKRGQAPRLLIYGASTRATGIPARFSGSGSGTEFTLTISSLQS
EDFAVYYCQQYNNFIAFGQGTRLEIKRTVAAPSVFIFPPSDEQLKSGTASVVCLLNNFYPREAKVQWKVDNALQSGNSQE
SVTEQDSKDSTYSLSSTLTLSKADYEKHKVYACEVTHQGLSSPVTKSFNRGEC
;
L
#
loop_
_chem_comp.id
_chem_comp.type
_chem_comp.name
_chem_comp.formula
NAG D-saccharide, beta linking 2-acetamido-2-deoxy-beta-D-glucopyranose 'C8 H15 N O6'
#
# COMPACT_ATOMS: atom_id res chain seq x y z
N THR A 320 32.22 7.03 30.23
CA THR A 320 31.89 5.96 31.17
C THR A 320 31.52 4.68 30.42
N ASN A 321 30.23 4.34 30.43
CA ASN A 321 29.78 3.10 29.82
C ASN A 321 29.78 3.21 28.29
N LEU A 322 29.69 2.05 27.65
CA LEU A 322 29.64 2.01 26.19
C LEU A 322 28.34 2.58 25.66
N CYS A 323 28.40 3.13 24.45
CA CYS A 323 27.23 3.75 23.85
C CYS A 323 26.32 2.71 23.21
N PRO A 324 25.01 2.91 23.28
CA PRO A 324 24.07 2.07 22.52
C PRO A 324 23.89 2.48 21.06
N PHE A 325 24.81 3.29 20.50
CA PHE A 325 24.65 3.81 19.15
C PHE A 325 24.60 2.68 18.12
N GLY A 326 25.25 1.55 18.42
CA GLY A 326 25.24 0.44 17.49
C GLY A 326 23.85 -0.10 17.24
N GLU A 327 23.01 -0.15 18.28
CA GLU A 327 21.68 -0.71 18.12
C GLU A 327 20.83 0.10 17.16
N VAL A 328 21.02 1.41 17.13
CA VAL A 328 20.22 2.26 16.24
C VAL A 328 20.56 1.98 14.78
N PHE A 329 21.86 1.91 14.47
CA PHE A 329 22.26 1.69 13.08
C PHE A 329 22.09 0.23 12.67
N ASN A 330 22.35 -0.70 13.59
CA ASN A 330 22.32 -2.12 13.28
C ASN A 330 20.97 -2.77 13.55
N ALA A 331 19.96 -1.98 13.91
CA ALA A 331 18.62 -2.54 14.06
C ALA A 331 18.14 -3.12 12.74
N THR A 332 17.72 -4.39 12.78
CA THR A 332 17.32 -5.07 11.56
C THR A 332 16.06 -4.46 10.96
N ARG A 333 15.22 -3.86 11.80
CA ARG A 333 13.94 -3.32 11.38
C ARG A 333 13.87 -1.83 11.70
N PHE A 334 13.48 -1.04 10.70
CA PHE A 334 13.13 0.36 10.89
C PHE A 334 11.67 0.55 10.50
N ALA A 335 10.93 1.23 11.36
CA ALA A 335 9.52 1.47 11.06
C ALA A 335 9.38 2.44 9.89
N SER A 336 8.19 2.47 9.31
CA SER A 336 7.96 3.33 8.16
C SER A 336 8.03 4.79 8.57
N VAL A 337 8.08 5.66 7.55
CA VAL A 337 8.33 7.08 7.79
C VAL A 337 7.16 7.72 8.53
N TYR A 338 5.92 7.30 8.23
CA TYR A 338 4.75 7.90 8.86
C TYR A 338 4.77 7.70 10.37
N ALA A 339 5.21 6.53 10.82
CA ALA A 339 5.38 6.23 12.24
C ALA A 339 6.85 5.91 12.47
N TRP A 340 7.65 6.96 12.69
CA TRP A 340 9.08 6.79 12.85
C TRP A 340 9.43 6.47 14.30
N ASN A 341 10.23 5.43 14.49
CA ASN A 341 10.66 5.07 15.83
C ASN A 341 11.70 6.06 16.35
N ARG A 342 11.44 6.61 17.54
CA ARG A 342 12.31 7.59 18.16
C ARG A 342 12.94 6.97 19.40
N LYS A 343 14.25 6.79 19.38
CA LYS A 343 14.98 6.15 20.45
C LYS A 343 15.67 7.20 21.31
N ARG A 344 15.21 7.34 22.55
CA ARG A 344 15.89 8.22 23.49
C ARG A 344 17.27 7.63 23.82
N ILE A 345 18.26 8.52 23.95
CA ILE A 345 19.64 8.12 24.18
C ILE A 345 20.09 8.68 25.52
N SER A 346 20.66 7.81 26.36
CA SER A 346 21.17 8.21 27.65
C SER A 346 22.26 7.23 28.07
N ASN A 347 23.21 7.74 28.86
CA ASN A 347 24.33 6.95 29.36
C ASN A 347 25.12 6.31 28.22
N CYS A 348 25.71 7.17 27.39
CA CYS A 348 26.41 6.77 26.18
C CYS A 348 27.72 7.53 26.08
N VAL A 349 28.66 6.95 25.34
CA VAL A 349 29.91 7.62 24.99
C VAL A 349 29.87 7.99 23.52
N ALA A 350 30.02 9.28 23.24
CA ALA A 350 29.84 9.80 21.87
C ALA A 350 31.02 9.40 21.01
N ASP A 351 30.98 8.14 20.55
CA ASP A 351 32.04 7.61 19.68
C ASP A 351 31.59 7.67 18.22
N TYR A 352 31.65 8.88 17.67
CA TYR A 352 31.27 9.12 16.29
C TYR A 352 32.43 8.93 15.31
N SER A 353 33.62 8.61 15.80
CA SER A 353 34.78 8.47 14.91
C SER A 353 34.57 7.32 13.92
N VAL A 354 34.06 6.19 14.41
CA VAL A 354 33.81 5.05 13.52
C VAL A 354 32.74 5.41 12.50
N LEU A 355 31.70 6.11 12.92
CA LEU A 355 30.64 6.51 11.99
C LEU A 355 31.18 7.43 10.90
N TYR A 356 31.97 8.43 11.29
CA TYR A 356 32.49 9.37 10.29
C TYR A 356 33.48 8.69 9.35
N ASN A 357 34.33 7.82 9.88
CA ASN A 357 35.28 7.10 9.03
C ASN A 357 34.61 5.99 8.23
N SER A 358 33.34 5.71 8.48
CA SER A 358 32.64 4.67 7.74
C SER A 358 32.40 5.10 6.30
N ALA A 359 32.72 4.20 5.36
CA ALA A 359 32.47 4.45 3.95
C ALA A 359 31.11 3.94 3.49
N SER A 360 30.32 3.38 4.40
CA SER A 360 29.00 2.86 4.02
C SER A 360 27.98 3.99 3.91
N PHE A 361 28.19 5.09 4.60
CA PHE A 361 27.22 6.18 4.68
C PHE A 361 27.34 7.04 3.43
N SER A 362 26.34 6.96 2.55
CA SER A 362 26.37 7.74 1.32
C SER A 362 26.21 9.23 1.60
N THR A 363 25.23 9.60 2.42
CA THR A 363 24.97 10.99 2.77
C THR A 363 25.15 11.16 4.26
N PHE A 364 25.90 12.18 4.65
CA PHE A 364 26.24 12.43 6.05
C PHE A 364 26.15 13.93 6.34
N LYS A 365 25.20 14.60 5.69
CA LYS A 365 25.11 16.05 5.73
C LYS A 365 24.53 16.49 7.07
N CYS A 366 25.40 16.99 7.95
CA CYS A 366 24.99 17.49 9.26
C CYS A 366 24.55 18.93 9.14
N TYR A 367 23.47 19.28 9.83
CA TYR A 367 22.97 20.66 9.85
C TYR A 367 23.11 21.21 11.26
N GLY A 368 23.80 22.34 11.39
CA GLY A 368 24.03 22.96 12.67
C GLY A 368 25.27 22.49 13.41
N VAL A 369 25.99 21.51 12.86
CA VAL A 369 27.20 21.00 13.50
C VAL A 369 28.10 20.43 12.40
N SER A 370 29.41 20.51 12.62
CA SER A 370 30.34 19.97 11.65
C SER A 370 30.54 18.47 11.88
N PRO A 371 30.66 17.69 10.80
CA PRO A 371 30.78 16.23 10.97
C PRO A 371 31.97 15.80 11.82
N THR A 372 33.09 16.51 11.72
CA THR A 372 34.28 16.10 12.45
C THR A 372 34.17 16.42 13.94
N LYS A 373 33.37 17.43 14.29
CA LYS A 373 33.22 17.83 15.69
C LYS A 373 32.38 16.84 16.50
N LEU A 374 31.74 15.87 15.85
CA LEU A 374 30.87 14.94 16.57
C LEU A 374 31.66 14.07 17.54
N ASN A 375 32.93 13.82 17.25
CA ASN A 375 33.72 12.90 18.08
C ASN A 375 33.92 13.46 19.48
N ASP A 376 34.23 14.75 19.60
CA ASP A 376 34.54 15.38 20.88
C ASP A 376 33.55 16.52 21.10
N LEU A 377 32.40 16.20 21.71
CA LEU A 377 31.38 17.19 22.00
C LEU A 377 30.41 16.59 23.01
N CYS A 378 29.86 17.47 23.86
CA CYS A 378 28.93 17.07 24.91
C CYS A 378 27.51 17.35 24.46
N PHE A 379 26.68 16.31 24.44
CA PHE A 379 25.31 16.40 23.94
C PHE A 379 24.34 16.32 25.12
N THR A 380 23.43 17.29 25.20
CA THR A 380 22.46 17.32 26.29
C THR A 380 21.55 16.11 26.24
N ASN A 381 20.93 15.84 25.09
CA ASN A 381 20.07 14.68 24.91
C ASN A 381 20.00 14.37 23.42
N VAL A 382 19.98 13.07 23.09
CA VAL A 382 20.03 12.62 21.71
C VAL A 382 18.77 11.79 21.43
N TYR A 383 18.09 12.12 20.33
CA TYR A 383 16.95 11.35 19.84
C TYR A 383 17.31 10.81 18.47
N ALA A 384 17.26 9.49 18.31
CA ALA A 384 17.62 8.83 17.07
C ALA A 384 16.35 8.35 16.39
N ASP A 385 15.84 9.14 15.46
CA ASP A 385 14.62 8.81 14.73
C ASP A 385 15.00 8.20 13.39
N SER A 386 14.60 6.96 13.16
CA SER A 386 15.00 6.21 11.98
C SER A 386 13.79 5.80 11.17
N PHE A 387 13.93 5.81 9.84
CA PHE A 387 12.87 5.40 8.94
C PHE A 387 13.47 5.02 7.59
N VAL A 388 12.61 4.71 6.64
CA VAL A 388 13.01 4.26 5.31
C VAL A 388 12.41 5.19 4.27
N ILE A 389 13.20 5.52 3.24
CA ILE A 389 12.78 6.39 2.16
C ILE A 389 13.17 5.74 0.83
N ARG A 390 12.46 6.14 -0.23
CA ARG A 390 12.73 5.64 -1.56
C ARG A 390 14.07 6.15 -2.08
N GLY A 391 14.60 5.46 -3.09
CA GLY A 391 15.92 5.81 -3.62
C GLY A 391 15.97 7.22 -4.16
N ASP A 392 15.00 7.59 -4.99
CA ASP A 392 14.91 8.97 -5.43
C ASP A 392 14.42 9.86 -4.30
N GLU A 393 14.89 11.10 -4.29
CA GLU A 393 14.45 12.11 -3.31
C GLU A 393 14.70 11.64 -1.88
N VAL A 394 15.90 11.10 -1.63
CA VAL A 394 16.29 10.84 -0.25
C VAL A 394 16.48 12.13 0.53
N ARG A 395 16.86 13.22 -0.15
CA ARG A 395 17.14 14.49 0.50
C ARG A 395 15.89 15.24 0.91
N GLN A 396 14.71 14.61 0.87
CA GLN A 396 13.50 15.27 1.32
C GLN A 396 13.59 15.67 2.78
N ILE A 397 14.39 14.94 3.57
CA ILE A 397 14.48 15.17 5.01
C ILE A 397 15.11 16.53 5.31
N ALA A 398 15.93 17.04 4.40
CA ALA A 398 16.64 18.27 4.66
C ALA A 398 15.64 19.39 4.97
N PRO A 399 15.90 20.20 5.99
CA PRO A 399 14.94 21.24 6.37
C PRO A 399 14.69 22.22 5.23
N GLY A 400 13.45 22.68 5.14
CA GLY A 400 13.05 23.57 4.08
C GLY A 400 12.71 22.88 2.77
N GLN A 401 12.88 21.56 2.69
CA GLN A 401 12.57 20.81 1.50
C GLN A 401 11.12 20.32 1.59
N THR A 402 10.31 20.70 0.61
CA THR A 402 8.88 20.40 0.61
C THR A 402 8.58 19.28 -0.39
N GLY A 403 7.87 18.27 0.07
CA GLY A 403 7.46 17.15 -0.77
C GLY A 403 6.38 16.39 -0.04
N LYS A 404 5.89 15.32 -0.70
CA LYS A 404 4.83 14.53 -0.09
C LYS A 404 5.31 13.89 1.21
N ILE A 405 6.45 13.20 1.17
CA ILE A 405 6.95 12.55 2.38
C ILE A 405 7.39 13.58 3.40
N ALA A 406 7.99 14.68 2.94
CA ALA A 406 8.44 15.72 3.87
C ALA A 406 7.25 16.40 4.54
N ASP A 407 6.24 16.79 3.77
CA ASP A 407 5.14 17.55 4.33
C ASP A 407 4.20 16.67 5.16
N TYR A 408 4.04 15.41 4.76
CA TYR A 408 3.03 14.55 5.38
C TYR A 408 3.58 13.56 6.40
N ASN A 409 4.67 12.87 6.08
CA ASN A 409 5.12 11.74 6.87
C ASN A 409 6.09 12.17 7.98
N TYR A 410 7.21 12.79 7.64
CA TYR A 410 8.16 13.29 8.62
C TYR A 410 8.73 14.59 8.11
N LYS A 411 8.52 15.67 8.87
CA LYS A 411 9.00 16.99 8.51
C LYS A 411 10.05 17.42 9.52
N LEU A 412 11.29 17.44 9.09
CA LEU A 412 12.35 17.97 9.94
C LEU A 412 12.21 19.49 10.01
N PRO A 413 12.17 20.07 11.21
CA PRO A 413 11.89 21.51 11.32
C PRO A 413 12.94 22.34 10.60
N ASP A 414 12.50 23.50 10.10
CA ASP A 414 13.38 24.34 9.30
C ASP A 414 14.62 24.75 10.09
N ASP A 415 14.44 25.12 11.36
CA ASP A 415 15.55 25.34 12.27
C ASP A 415 15.87 24.02 12.95
N PHE A 416 16.80 23.25 12.38
CA PHE A 416 17.10 21.90 12.84
C PHE A 416 18.56 21.83 13.29
N THR A 417 18.79 21.13 14.40
CA THR A 417 20.13 21.00 14.98
C THR A 417 20.44 19.51 15.13
N GLY A 418 21.01 18.92 14.08
CA GLY A 418 21.37 17.52 14.11
C GLY A 418 21.94 17.10 12.77
N CYS A 419 22.33 15.83 12.69
CA CYS A 419 22.93 15.27 11.49
C CYS A 419 22.05 14.17 10.95
N VAL A 420 21.63 14.31 9.70
CA VAL A 420 20.88 13.27 9.00
C VAL A 420 21.86 12.44 8.18
N ILE A 421 21.90 11.14 8.46
CA ILE A 421 22.79 10.21 7.79
C ILE A 421 21.95 9.13 7.13
N ALA A 422 22.17 8.91 5.83
CA ALA A 422 21.39 7.97 5.05
C ALA A 422 22.30 7.24 4.08
N TRP A 423 22.02 5.96 3.88
CA TRP A 423 22.82 5.12 3.00
C TRP A 423 21.92 4.14 2.27
N ASN A 424 22.39 3.66 1.13
CA ASN A 424 21.62 2.71 0.35
C ASN A 424 21.45 1.41 1.12
N SER A 425 20.21 0.98 1.29
CA SER A 425 19.88 -0.26 1.98
C SER A 425 19.21 -1.27 1.05
N ASN A 426 19.52 -1.22 -0.24
CA ASN A 426 18.88 -2.11 -1.20
C ASN A 426 19.18 -3.57 -0.88
N ASN A 427 20.42 -3.87 -0.49
CA ASN A 427 20.75 -5.24 -0.11
C ASN A 427 20.14 -5.60 1.25
N LEU A 428 19.76 -4.59 2.04
CA LEU A 428 19.23 -4.87 3.37
C LEU A 428 17.70 -4.84 3.38
N ASP A 429 17.09 -3.76 2.89
CA ASP A 429 15.65 -3.55 3.06
C ASP A 429 14.86 -3.70 1.77
N SER A 430 15.41 -4.37 0.76
CA SER A 430 14.69 -4.64 -0.47
C SER A 430 14.71 -6.13 -0.75
N LYS A 431 13.55 -6.68 -1.09
CA LYS A 431 13.39 -8.09 -1.36
C LYS A 431 12.97 -8.28 -2.82
N VAL A 432 13.41 -9.40 -3.41
CA VAL A 432 13.07 -9.68 -4.79
C VAL A 432 11.56 -9.76 -4.95
N GLY A 433 11.05 -9.07 -5.98
CA GLY A 433 9.63 -8.98 -6.20
C GLY A 433 8.93 -7.88 -5.44
N GLY A 434 9.65 -7.11 -4.64
CA GLY A 434 9.03 -5.99 -3.95
C GLY A 434 8.85 -6.26 -2.46
N ASN A 435 9.19 -5.25 -1.67
CA ASN A 435 8.98 -5.26 -0.22
C ASN A 435 8.20 -4.02 0.16
N TYR A 436 6.90 -4.21 0.44
CA TYR A 436 5.96 -3.11 0.60
C TYR A 436 5.66 -2.79 2.06
N ASN A 437 6.47 -3.30 3.00
CA ASN A 437 6.19 -3.09 4.41
C ASN A 437 6.27 -1.62 4.79
N TYR A 438 7.16 -0.87 4.15
CA TYR A 438 7.28 0.56 4.40
C TYR A 438 6.25 1.31 3.57
N LEU A 439 5.54 2.25 4.20
CA LEU A 439 4.47 2.97 3.53
C LEU A 439 4.37 4.38 4.09
N TYR A 440 3.85 5.28 3.25
CA TYR A 440 3.80 6.70 3.56
C TYR A 440 2.38 7.23 3.39
N ARG A 441 2.05 8.27 4.15
CA ARG A 441 0.71 8.86 4.11
C ARG A 441 0.66 9.85 2.94
N LEU A 442 0.14 9.37 1.81
CA LEU A 442 0.10 10.20 0.61
C LEU A 442 -0.83 11.38 0.78
N PHE A 443 -1.99 11.18 1.40
CA PHE A 443 -3.00 12.22 1.53
C PHE A 443 -3.19 12.57 3.00
N ARG A 444 -3.41 13.86 3.28
CA ARG A 444 -3.72 14.31 4.62
C ARG A 444 -4.47 15.64 4.49
N LYS A 445 -5.28 15.94 5.51
CA LYS A 445 -6.04 17.19 5.48
C LYS A 445 -5.11 18.40 5.51
N SER A 446 -4.06 18.35 6.32
CA SER A 446 -3.10 19.42 6.42
C SER A 446 -1.69 18.85 6.47
N ASN A 447 -0.71 19.69 6.14
CA ASN A 447 0.68 19.29 6.25
C ASN A 447 1.03 18.99 7.71
N LEU A 448 1.84 17.95 7.90
CA LEU A 448 2.17 17.50 9.25
C LEU A 448 2.98 18.56 9.99
N LYS A 449 2.66 18.74 11.27
CA LYS A 449 3.41 19.66 12.09
C LYS A 449 4.85 19.16 12.26
N PRO A 450 5.82 20.07 12.38
CA PRO A 450 7.22 19.66 12.41
C PRO A 450 7.53 18.72 13.56
N PHE A 451 8.34 17.71 13.26
CA PHE A 451 8.86 16.78 14.27
C PHE A 451 7.74 16.10 15.05
N GLU A 452 6.74 15.59 14.33
CA GLU A 452 5.60 14.92 14.93
C GLU A 452 5.22 13.69 14.12
N ARG A 453 4.42 12.82 14.75
CA ARG A 453 3.93 11.60 14.12
C ARG A 453 2.42 11.56 14.22
N ASP A 454 1.76 11.28 13.10
CA ASP A 454 0.30 11.16 13.03
C ASP A 454 -0.03 9.82 12.42
N ILE A 455 -0.31 8.82 13.27
CA ILE A 455 -0.63 7.49 12.82
C ILE A 455 -2.12 7.34 12.53
N SER A 456 -2.88 8.43 12.53
CA SER A 456 -4.30 8.36 12.24
C SER A 456 -4.51 7.82 10.83
N THR A 457 -5.41 6.84 10.71
CA THR A 457 -5.64 6.15 9.44
C THR A 457 -7.11 6.22 9.02
N GLU A 458 -7.79 7.32 9.33
CA GLU A 458 -9.16 7.50 8.90
C GLU A 458 -9.21 7.79 7.40
N ILE A 459 -10.38 7.52 6.80
CA ILE A 459 -10.54 7.73 5.37
C ILE A 459 -10.50 9.22 5.07
N TYR A 460 -9.63 9.60 4.14
CA TYR A 460 -9.54 11.01 3.75
C TYR A 460 -10.72 11.38 2.86
N GLN A 461 -11.18 12.62 3.01
CA GLN A 461 -12.37 13.10 2.30
C GLN A 461 -11.95 14.15 1.28
N ALA A 462 -12.01 13.78 0.01
CA ALA A 462 -11.67 14.67 -1.09
C ALA A 462 -12.89 15.20 -1.82
N GLY A 463 -14.09 14.96 -1.29
CA GLY A 463 -15.30 15.41 -1.94
C GLY A 463 -16.24 16.08 -0.95
N SER A 464 -17.29 16.69 -1.50
CA SER A 464 -18.27 17.36 -0.66
C SER A 464 -19.02 16.38 0.23
N THR A 465 -19.35 15.21 -0.30
CA THR A 465 -20.09 14.22 0.47
C THR A 465 -19.24 13.72 1.64
N PRO A 466 -19.77 13.72 2.86
CA PRO A 466 -19.02 13.17 3.99
C PRO A 466 -18.81 11.67 3.81
N CYS A 467 -17.55 11.23 3.94
CA CYS A 467 -17.25 9.83 3.75
C CYS A 467 -17.79 8.97 4.89
N ASN A 468 -18.13 9.59 6.01
CA ASN A 468 -18.72 8.89 7.16
C ASN A 468 -17.83 7.74 7.63
N GLY A 469 -16.52 7.98 7.66
CA GLY A 469 -15.57 6.94 8.03
C GLY A 469 -15.59 5.76 7.09
N VAL A 470 -16.02 5.99 5.85
CA VAL A 470 -16.19 4.93 4.87
C VAL A 470 -15.49 5.34 3.59
N GLU A 471 -14.73 4.38 3.01
CA GLU A 471 -14.05 4.65 1.76
C GLU A 471 -15.05 4.65 0.61
N GLY A 472 -15.08 5.73 -0.14
CA GLY A 472 -16.00 5.88 -1.25
C GLY A 472 -15.40 6.76 -2.31
N PHE A 473 -16.22 7.16 -3.27
CA PHE A 473 -15.77 8.04 -4.33
C PHE A 473 -15.39 9.40 -3.75
N ASN A 474 -14.25 9.93 -4.20
CA ASN A 474 -13.62 11.11 -3.62
C ASN A 474 -13.28 10.91 -2.15
N CYS A 475 -13.10 9.66 -1.74
CA CYS A 475 -12.61 9.30 -0.41
C CYS A 475 -11.42 8.38 -0.57
N TYR A 476 -10.34 8.67 0.15
CA TYR A 476 -9.09 7.93 -0.02
C TYR A 476 -8.55 7.50 1.33
N PHE A 477 -7.81 6.40 1.31
CA PHE A 477 -6.99 6.02 2.46
C PHE A 477 -5.75 6.90 2.50
N PRO A 478 -5.28 7.28 3.68
CA PRO A 478 -4.13 8.21 3.73
C PRO A 478 -2.81 7.56 3.35
N LEU A 479 -2.56 6.32 3.74
CA LEU A 479 -1.25 5.71 3.60
C LEU A 479 -1.12 5.01 2.24
N GLN A 480 0.01 5.24 1.59
CA GLN A 480 0.35 4.55 0.34
C GLN A 480 1.69 3.85 0.52
N SER A 481 1.78 2.62 0.03
CA SER A 481 2.98 1.82 0.23
C SER A 481 4.06 2.18 -0.78
N TYR A 482 5.31 2.04 -0.36
CA TYR A 482 6.44 2.31 -1.25
C TYR A 482 6.60 1.19 -2.27
N GLY A 483 7.17 1.55 -3.42
CA GLY A 483 7.58 0.55 -4.38
C GLY A 483 9.08 0.35 -4.35
N PHE A 484 9.53 -0.72 -3.71
CA PHE A 484 10.95 -1.03 -3.56
C PHE A 484 11.25 -2.32 -4.32
N GLN A 485 12.06 -2.22 -5.37
CA GLN A 485 12.46 -3.38 -6.15
C GLN A 485 13.98 -3.39 -6.27
N PRO A 486 14.63 -4.51 -5.96
CA PRO A 486 16.09 -4.55 -6.10
C PRO A 486 16.57 -4.33 -7.52
N THR A 487 15.73 -4.67 -8.51
CA THR A 487 16.12 -4.50 -9.91
C THR A 487 16.35 -3.04 -10.25
N ASN A 488 15.48 -2.15 -9.78
CA ASN A 488 15.62 -0.73 -10.08
C ASN A 488 16.87 -0.17 -9.41
N GLY A 489 17.50 0.79 -10.09
CA GLY A 489 18.73 1.38 -9.61
C GLY A 489 18.50 2.50 -8.61
N VAL A 490 19.15 3.64 -8.83
CA VAL A 490 19.07 4.75 -7.89
C VAL A 490 17.65 5.27 -7.79
N GLY A 491 16.80 4.97 -8.78
CA GLY A 491 15.44 5.45 -8.75
C GLY A 491 14.63 4.86 -7.62
N TYR A 492 14.74 3.55 -7.40
CA TYR A 492 13.95 2.83 -6.40
C TYR A 492 14.86 1.90 -5.60
N GLN A 493 15.34 2.41 -4.47
CA GLN A 493 16.17 1.64 -3.54
C GLN A 493 15.89 2.12 -2.12
N PRO A 494 15.69 1.22 -1.17
CA PRO A 494 15.45 1.67 0.21
C PRO A 494 16.67 2.40 0.77
N TYR A 495 16.47 3.68 1.07
CA TYR A 495 17.53 4.51 1.63
C TYR A 495 17.12 4.86 3.06
N ARG A 496 17.45 3.99 4.01
CA ARG A 496 17.10 4.24 5.40
C ARG A 496 17.80 5.49 5.90
N VAL A 497 17.07 6.30 6.67
CA VAL A 497 17.55 7.57 7.19
C VAL A 497 17.54 7.48 8.70
N VAL A 498 18.62 7.92 9.34
CA VAL A 498 18.71 7.98 10.79
C VAL A 498 19.01 9.42 11.17
N VAL A 499 17.98 10.15 11.56
CA VAL A 499 18.10 11.57 11.90
C VAL A 499 18.57 11.67 13.33
N LEU A 500 19.85 11.98 13.53
CA LEU A 500 20.42 12.11 14.87
C LEU A 500 20.20 13.54 15.36
N SER A 501 18.96 13.83 15.71
CA SER A 501 18.64 15.12 16.32
C SER A 501 19.10 15.11 17.78
N PHE A 502 19.95 16.05 18.14
CA PHE A 502 20.48 16.09 19.51
C PHE A 502 20.75 17.54 19.88
N GLU A 503 21.53 17.73 20.95
CA GLU A 503 21.84 19.05 21.51
C GLU A 503 20.57 19.79 21.92
N LEU A 504 19.82 19.19 22.85
CA LEU A 504 18.62 19.84 23.38
C LEU A 504 18.96 21.12 24.12
N LEU A 505 20.08 21.11 24.86
CA LEU A 505 20.47 22.24 25.71
C LEU A 505 19.38 22.56 26.73
N HIS A 506 18.93 21.53 27.45
CA HIS A 506 17.87 21.68 28.44
C HIS A 506 18.19 21.01 29.77
N ALA A 507 19.24 20.20 29.84
CA ALA A 507 19.56 19.44 31.03
C ALA A 507 21.06 19.13 31.02
N PRO A 508 21.62 18.64 32.12
CA PRO A 508 23.01 18.20 32.10
C PRO A 508 23.22 17.12 31.04
N ALA A 509 24.34 17.21 30.33
CA ALA A 509 24.59 16.33 29.20
C ALA A 509 24.93 14.93 29.68
N THR A 510 24.22 13.94 29.15
CA THR A 510 24.54 12.53 29.39
C THR A 510 25.36 11.90 28.28
N VAL A 511 25.64 12.65 27.21
CA VAL A 511 26.43 12.17 26.09
C VAL A 511 27.57 13.14 25.88
N CYS A 512 28.80 12.62 25.86
CA CYS A 512 29.99 13.44 25.65
C CYS A 512 31.03 12.61 24.92
N GLY A 513 32.00 13.30 24.32
CA GLY A 513 33.06 12.66 23.59
C GLY A 513 34.02 11.92 24.49
N PRO A 514 34.70 10.90 23.94
CA PRO A 514 35.64 10.13 24.76
C PRO A 514 36.84 10.97 25.16
N LYS A 515 37.44 10.62 26.28
CA LYS A 515 38.62 11.32 26.79
C LYS A 515 39.78 10.34 26.95
N GLN B 1 0.75 -16.83 -7.60
CA GLN B 1 0.39 -18.17 -8.09
C GLN B 1 -0.68 -18.79 -7.20
N VAL B 2 -0.29 -19.18 -5.99
CA VAL B 2 -1.24 -19.77 -5.05
C VAL B 2 -2.11 -18.68 -4.47
N GLN B 3 -3.43 -18.82 -4.62
CA GLN B 3 -4.35 -17.84 -4.09
C GLN B 3 -4.36 -17.89 -2.56
N LEU B 4 -4.67 -16.75 -1.95
CA LEU B 4 -4.81 -16.69 -0.50
C LEU B 4 -5.97 -17.57 -0.06
N VAL B 5 -5.67 -18.57 0.76
CA VAL B 5 -6.68 -19.55 1.19
C VAL B 5 -7.63 -18.88 2.16
N GLN B 6 -8.93 -19.10 1.93
CA GLN B 6 -9.98 -18.53 2.76
C GLN B 6 -11.02 -19.60 3.08
N SER B 7 -11.64 -19.45 4.24
CA SER B 7 -12.68 -20.37 4.70
C SER B 7 -13.91 -19.57 5.08
N GLY B 8 -15.07 -20.00 4.61
CA GLY B 8 -16.31 -19.30 4.89
C GLY B 8 -17.49 -20.26 4.88
N ALA B 9 -18.51 -19.91 5.65
CA ALA B 9 -19.70 -20.73 5.76
C ALA B 9 -20.55 -20.62 4.50
N GLU B 10 -21.30 -21.68 4.22
CA GLU B 10 -22.15 -21.74 3.04
C GLU B 10 -23.55 -22.20 3.41
N MET B 11 -24.53 -21.70 2.66
CA MET B 11 -25.94 -22.03 2.86
C MET B 11 -26.40 -21.75 4.29
N LYS B 12 -26.28 -20.49 4.69
CA LYS B 12 -26.85 -20.06 5.97
C LYS B 12 -28.27 -19.57 5.77
N ASN B 13 -29.09 -19.72 6.82
CA ASN B 13 -30.47 -19.31 6.74
C ASN B 13 -30.60 -17.79 6.95
N PHE B 14 -31.83 -17.30 6.77
CA PHE B 14 -32.08 -15.87 6.84
C PHE B 14 -31.75 -15.32 8.22
N GLY B 15 -31.21 -14.10 8.23
CA GLY B 15 -30.91 -13.41 9.47
C GLY B 15 -29.63 -13.84 10.15
N SER B 16 -28.97 -14.88 9.67
CA SER B 16 -27.75 -15.38 10.29
C SER B 16 -26.56 -14.54 9.85
N SER B 17 -25.41 -14.82 10.47
CA SER B 17 -24.16 -14.13 10.15
C SER B 17 -23.13 -15.15 9.69
N VAL B 18 -22.48 -14.86 8.56
CA VAL B 18 -21.43 -15.71 8.02
C VAL B 18 -20.09 -15.13 8.43
N LYS B 19 -19.19 -15.99 8.92
CA LYS B 19 -17.85 -15.58 9.30
C LYS B 19 -16.86 -16.22 8.33
N VAL B 20 -16.24 -15.40 7.50
CA VAL B 20 -15.30 -15.85 6.48
C VAL B 20 -13.98 -15.11 6.68
N SER B 21 -12.88 -15.86 6.66
CA SER B 21 -11.55 -15.29 6.84
C SER B 21 -10.60 -15.90 5.84
N CYS B 22 -9.54 -15.17 5.49
CA CYS B 22 -8.48 -15.64 4.61
C CYS B 22 -7.15 -15.54 5.33
N LYS B 23 -6.23 -16.46 5.02
CA LYS B 23 -4.91 -16.48 5.62
C LYS B 23 -3.96 -15.62 4.79
N ALA B 24 -3.46 -14.55 5.40
CA ALA B 24 -2.51 -13.69 4.71
C ALA B 24 -1.15 -14.35 4.62
N SER B 25 -0.46 -14.12 3.49
CA SER B 25 0.88 -14.66 3.31
C SER B 25 1.86 -14.07 4.32
N GLY B 26 1.75 -12.77 4.59
CA GLY B 26 2.64 -12.12 5.53
C GLY B 26 3.18 -10.80 5.02
N GLY B 27 3.05 -9.76 5.84
CA GLY B 27 3.51 -8.44 5.49
C GLY B 27 2.45 -7.41 5.78
N THR B 28 2.65 -6.21 5.24
CA THR B 28 1.72 -5.11 5.42
C THR B 28 0.74 -4.97 4.26
N PHE B 29 0.60 -5.99 3.42
CA PHE B 29 -0.32 -5.93 2.31
C PHE B 29 -1.76 -5.87 2.83
N SER B 30 -2.52 -4.89 2.35
CA SER B 30 -3.91 -4.77 2.75
C SER B 30 -4.73 -5.92 2.19
N ILE B 31 -5.83 -6.22 2.86
CA ILE B 31 -6.73 -7.30 2.46
C ILE B 31 -8.06 -6.69 2.07
N ASN B 32 -8.50 -6.77 0.81
CA ASN B 32 -9.76 -6.05 0.45
C ASN B 32 -10.89 -7.02 0.16
N TRP B 33 -12.10 -6.55 0.40
CA TRP B 33 -13.32 -7.39 0.36
C TRP B 33 -14.12 -7.08 -0.89
N VAL B 34 -14.36 -8.07 -1.73
CA VAL B 34 -15.03 -7.91 -3.01
C VAL B 34 -16.23 -8.85 -3.03
N ARG B 35 -17.40 -8.29 -3.28
CA ARG B 35 -18.63 -9.06 -3.38
C ARG B 35 -19.06 -9.19 -4.83
N GLN B 36 -19.33 -10.42 -5.25
CA GLN B 36 -19.79 -10.69 -6.61
C GLN B 36 -21.17 -11.33 -6.56
N ALA B 37 -22.18 -10.59 -7.01
CA ALA B 37 -23.50 -11.17 -7.16
C ALA B 37 -23.48 -12.22 -8.28
N PRO B 38 -24.35 -13.23 -8.21
CA PRO B 38 -24.34 -14.27 -9.25
C PRO B 38 -24.73 -13.68 -10.60
N GLY B 39 -23.82 -13.81 -11.56
CA GLY B 39 -24.08 -13.31 -12.91
C GLY B 39 -24.31 -11.81 -12.98
N LEU B 40 -23.52 -11.05 -12.23
CA LEU B 40 -23.64 -9.60 -12.23
C LEU B 40 -22.25 -8.99 -12.09
N GLY B 41 -22.21 -7.67 -11.99
CA GLY B 41 -20.94 -6.97 -11.85
C GLY B 41 -20.40 -7.09 -10.43
N LEU B 42 -19.07 -7.11 -10.31
CA LEU B 42 -18.45 -7.21 -9.01
C LEU B 42 -18.67 -5.95 -8.20
N GLU B 43 -18.65 -6.09 -6.88
CA GLU B 43 -18.83 -4.99 -5.95
C GLU B 43 -17.73 -5.02 -4.90
N TYR B 44 -17.47 -3.87 -4.30
CA TYR B 44 -16.42 -3.71 -3.31
C TYR B 44 -17.06 -3.41 -1.95
N MET B 45 -16.69 -4.19 -0.94
CA MET B 45 -17.31 -4.07 0.37
C MET B 45 -16.46 -3.24 1.33
N GLY B 46 -15.15 -3.48 1.34
CA GLY B 46 -14.27 -2.77 2.24
C GLY B 46 -12.90 -3.40 2.26
N ARG B 47 -12.13 -3.03 3.28
CA ARG B 47 -10.79 -3.57 3.47
C ARG B 47 -10.38 -3.43 4.93
N ILE B 48 -9.39 -4.22 5.32
CA ILE B 48 -8.74 -4.09 6.62
C ILE B 48 -7.26 -4.37 6.42
N ILE B 49 -6.42 -3.44 6.86
CA ILE B 49 -4.98 -3.64 6.82
C ILE B 49 -4.63 -4.57 7.98
N PRO B 50 -4.02 -5.73 7.70
CA PRO B 50 -3.72 -6.68 8.78
C PRO B 50 -2.78 -6.12 9.84
N ALA B 51 -1.71 -5.45 9.39
CA ALA B 51 -0.73 -4.95 10.33
C ALA B 51 -1.31 -3.86 11.22
N LEU B 52 -2.03 -2.90 10.63
CA LEU B 52 -2.53 -1.79 11.41
C LEU B 52 -3.92 -2.06 11.99
N ASP B 53 -4.60 -3.11 11.55
CA ASP B 53 -5.94 -3.45 12.03
C ASP B 53 -6.89 -2.27 11.91
N ARG B 54 -6.90 -1.63 10.74
CA ARG B 54 -7.77 -0.49 10.47
C ARG B 54 -8.99 -0.97 9.69
N ALA B 55 -10.18 -0.54 10.13
CA ALA B 55 -11.43 -1.00 9.55
C ALA B 55 -11.91 -0.03 8.48
N ILE B 56 -12.23 -0.57 7.30
CA ILE B 56 -12.74 0.20 6.18
C ILE B 56 -14.03 -0.46 5.69
N TYR B 57 -15.06 0.35 5.46
CA TYR B 57 -16.35 -0.15 5.00
C TYR B 57 -16.84 0.69 3.83
N THR B 58 -17.95 0.26 3.24
CA THR B 58 -18.59 0.94 2.13
C THR B 58 -19.96 1.45 2.57
N GLN B 59 -20.37 2.59 1.99
CA GLN B 59 -21.66 3.17 2.35
C GLN B 59 -22.80 2.20 2.07
N LYS B 60 -22.66 1.38 1.02
CA LYS B 60 -23.68 0.36 0.75
C LYS B 60 -23.72 -0.69 1.85
N PHE B 61 -22.56 -1.05 2.39
CA PHE B 61 -22.46 -2.15 3.34
C PHE B 61 -22.07 -1.68 4.75
N GLN B 62 -22.25 -0.40 5.06
CA GLN B 62 -21.94 0.08 6.40
C GLN B 62 -22.85 -0.59 7.42
N GLY B 63 -22.25 -1.04 8.52
CA GLY B 63 -23.01 -1.70 9.58
C GLY B 63 -23.37 -3.14 9.33
N ARG B 64 -23.79 -3.47 8.10
CA ARG B 64 -24.16 -4.85 7.80
C ARG B 64 -22.94 -5.77 7.85
N VAL B 65 -21.79 -5.29 7.37
CA VAL B 65 -20.57 -6.09 7.31
C VAL B 65 -19.66 -5.68 8.46
N THR B 66 -19.01 -6.68 9.06
CA THR B 66 -18.03 -6.47 10.12
C THR B 66 -16.78 -7.28 9.82
N ILE B 67 -15.62 -6.66 10.00
CA ILE B 67 -14.34 -7.27 9.66
C ILE B 67 -13.46 -7.26 10.90
N THR B 68 -12.88 -8.41 11.24
CA THR B 68 -11.99 -8.55 12.37
C THR B 68 -10.70 -9.22 11.93
N ALA B 69 -9.63 -8.97 12.68
CA ALA B 69 -8.30 -9.45 12.34
C ALA B 69 -7.76 -10.31 13.47
N ASP B 70 -7.30 -11.52 13.13
CA ASP B 70 -6.68 -12.44 14.09
C ASP B 70 -5.19 -12.46 13.80
N LYS B 71 -4.40 -11.84 14.68
CA LYS B 71 -2.98 -11.66 14.42
C LYS B 71 -2.21 -12.96 14.55
N SER B 72 -2.67 -13.88 15.41
CA SER B 72 -1.90 -15.09 15.71
C SER B 72 -1.62 -15.88 14.44
N THR B 73 -2.66 -16.15 13.65
CA THR B 73 -2.50 -16.79 12.35
C THR B 73 -2.53 -15.80 11.19
N SER B 74 -2.53 -14.49 11.49
CA SER B 74 -2.53 -13.44 10.47
C SER B 74 -3.73 -13.58 9.53
N THR B 75 -4.91 -13.82 10.09
CA THR B 75 -6.13 -13.97 9.33
C THR B 75 -7.09 -12.85 9.67
N VAL B 76 -7.81 -12.37 8.66
CA VAL B 76 -8.81 -11.32 8.84
C VAL B 76 -10.19 -11.90 8.55
N TYR B 77 -11.08 -11.82 9.54
CA TYR B 77 -12.41 -12.41 9.45
C TYR B 77 -13.41 -11.39 8.93
N MET B 78 -14.51 -11.90 8.38
CA MET B 78 -15.61 -11.07 7.86
C MET B 78 -16.92 -11.64 8.36
N GLU B 79 -17.62 -10.87 9.18
CA GLU B 79 -18.95 -11.24 9.67
C GLU B 79 -20.00 -10.33 9.05
N LEU B 80 -21.02 -10.93 8.45
CA LEU B 80 -22.09 -10.19 7.80
C LEU B 80 -23.39 -10.47 8.57
N SER B 81 -23.80 -9.50 9.40
CA SER B 81 -24.91 -9.74 10.32
C SER B 81 -26.22 -9.95 9.59
N GLY B 82 -26.56 -9.05 8.67
CA GLY B 82 -27.84 -9.08 7.97
C GLY B 82 -27.70 -9.70 6.60
N LEU B 83 -28.55 -10.70 6.34
CA LEU B 83 -28.57 -11.41 5.07
C LEU B 83 -29.90 -11.16 4.38
N ARG B 84 -29.85 -10.98 3.06
CA ARG B 84 -31.03 -10.75 2.24
C ARG B 84 -31.13 -11.84 1.18
N SER B 85 -32.29 -11.89 0.53
CA SER B 85 -32.50 -12.88 -0.52
C SER B 85 -31.55 -12.68 -1.68
N GLU B 86 -31.32 -11.42 -2.06
CA GLU B 86 -30.39 -11.12 -3.15
C GLU B 86 -28.93 -11.11 -2.70
N ASP B 87 -28.68 -11.26 -1.40
CA ASP B 87 -27.34 -11.15 -0.84
C ASP B 87 -26.52 -12.43 -1.01
N THR B 88 -27.06 -13.42 -1.72
CA THR B 88 -26.36 -14.68 -1.93
C THR B 88 -25.24 -14.48 -2.96
N ALA B 89 -24.18 -13.82 -2.50
CA ALA B 89 -23.10 -13.40 -3.37
C ALA B 89 -21.76 -13.93 -2.87
N VAL B 90 -20.92 -14.38 -3.79
CA VAL B 90 -19.58 -14.83 -3.44
C VAL B 90 -18.77 -13.64 -2.95
N TYR B 91 -18.09 -13.81 -1.82
CA TYR B 91 -17.26 -12.76 -1.23
C TYR B 91 -15.80 -13.14 -1.39
N TYR B 92 -15.07 -12.34 -2.18
CA TYR B 92 -13.68 -12.62 -2.51
C TYR B 92 -12.75 -11.90 -1.55
N CYS B 93 -11.73 -12.62 -1.09
CA CYS B 93 -10.63 -11.99 -0.37
C CYS B 93 -9.50 -11.65 -1.33
N ALA B 94 -9.16 -10.37 -1.40
CA ALA B 94 -8.18 -9.88 -2.36
C ALA B 94 -7.06 -9.17 -1.63
N ARG B 95 -5.83 -9.51 -1.98
CA ARG B 95 -4.65 -8.86 -1.44
C ARG B 95 -4.16 -7.81 -2.42
N SER B 96 -4.02 -6.57 -1.94
CA SER B 96 -3.60 -5.47 -2.79
C SER B 96 -2.60 -4.62 -2.03
N VAL B 97 -1.71 -3.97 -2.79
CA VAL B 97 -0.77 -3.05 -2.17
C VAL B 97 -1.53 -1.90 -1.54
N VAL B 98 -1.29 -1.67 -0.26
CA VAL B 98 -2.06 -0.68 0.48
C VAL B 98 -1.88 0.69 -0.15
N GLY B 99 -3.00 1.31 -0.53
CA GLY B 99 -2.97 2.60 -1.16
C GLY B 99 -4.21 3.40 -0.85
N PRO B 100 -4.25 4.65 -1.30
CA PRO B 100 -5.44 5.48 -1.06
C PRO B 100 -6.71 4.86 -1.62
N THR B 101 -6.59 4.13 -2.72
CA THR B 101 -7.66 3.33 -3.29
C THR B 101 -7.23 1.87 -3.31
N PRO B 102 -8.17 0.94 -3.26
CA PRO B 102 -7.81 -0.47 -3.41
C PRO B 102 -7.15 -0.72 -4.76
N ASN B 103 -5.88 -1.08 -4.72
CA ASN B 103 -5.09 -1.21 -5.93
C ASN B 103 -5.40 -2.54 -6.60
N TYR B 104 -4.59 -2.93 -7.59
CA TYR B 104 -4.78 -4.18 -8.29
C TYR B 104 -4.78 -5.35 -7.32
N PHE B 105 -5.77 -6.23 -7.45
CA PHE B 105 -5.94 -7.35 -6.54
C PHE B 105 -4.95 -8.46 -6.92
N ASP B 106 -3.72 -8.28 -6.46
CA ASP B 106 -2.65 -9.23 -6.75
C ASP B 106 -2.17 -9.89 -5.47
N PRO B 107 -2.55 -11.15 -5.21
CA PRO B 107 -3.49 -11.97 -5.98
C PRO B 107 -4.85 -12.10 -5.28
N TRP B 108 -5.80 -12.76 -5.94
CA TRP B 108 -7.11 -12.99 -5.36
C TRP B 108 -7.09 -14.18 -4.41
N GLY B 109 -8.19 -14.36 -3.69
CA GLY B 109 -8.35 -15.49 -2.80
C GLY B 109 -9.01 -16.67 -3.48
N GLN B 110 -9.44 -17.62 -2.65
CA GLN B 110 -10.09 -18.82 -3.17
C GLN B 110 -11.50 -18.51 -3.67
N GLY B 111 -12.27 -17.77 -2.90
CA GLY B 111 -13.65 -17.50 -3.25
C GLY B 111 -14.61 -18.45 -2.58
N THR B 112 -15.50 -17.92 -1.75
CA THR B 112 -16.42 -18.73 -0.96
C THR B 112 -17.85 -18.45 -1.41
N LEU B 113 -18.49 -19.46 -2.00
CA LEU B 113 -19.88 -19.34 -2.41
C LEU B 113 -20.79 -19.41 -1.20
N VAL B 114 -21.74 -18.48 -1.12
CA VAL B 114 -22.69 -18.40 -0.03
C VAL B 114 -24.09 -18.33 -0.61
N THR B 115 -24.99 -19.18 -0.12
CA THR B 115 -26.38 -19.20 -0.54
C THR B 115 -27.28 -18.94 0.65
N VAL B 116 -28.48 -18.45 0.37
CA VAL B 116 -29.45 -18.08 1.40
C VAL B 116 -30.69 -18.95 1.23
N SER B 117 -31.12 -19.58 2.33
CA SER B 117 -32.34 -20.38 2.35
C SER B 117 -33.39 -19.63 3.17
N SER B 118 -34.41 -19.11 2.49
CA SER B 118 -35.46 -18.34 3.15
C SER B 118 -36.25 -19.20 4.12
N GLU C 1 -18.75 9.94 -8.67
CA GLU C 1 -19.45 8.74 -9.07
C GLU C 1 -18.99 8.29 -10.45
N ILE C 2 -17.83 7.63 -10.49
CA ILE C 2 -17.21 7.21 -11.74
C ILE C 2 -17.65 5.78 -12.04
N VAL C 3 -18.30 5.59 -13.18
CA VAL C 3 -18.73 4.27 -13.63
C VAL C 3 -17.90 3.89 -14.85
N MET C 4 -17.26 2.72 -14.78
CA MET C 4 -16.39 2.26 -15.84
C MET C 4 -17.24 1.58 -16.92
N THR C 5 -17.96 2.41 -17.67
CA THR C 5 -18.77 1.91 -18.77
C THR C 5 -17.89 1.23 -19.81
N GLN C 6 -18.29 0.04 -20.22
CA GLN C 6 -17.61 -0.72 -21.27
C GLN C 6 -18.58 -0.82 -22.44
N SER C 7 -18.18 -0.29 -23.60
CA SER C 7 -19.10 -0.24 -24.74
C SER C 7 -19.35 -1.61 -25.35
N PRO C 8 -18.33 -2.41 -25.72
CA PRO C 8 -18.64 -3.73 -26.31
C PRO C 8 -18.78 -4.81 -25.24
N ALA C 9 -19.89 -4.73 -24.47
CA ALA C 9 -20.11 -5.70 -23.41
C ALA C 9 -20.23 -7.12 -23.96
N THR C 10 -20.91 -7.27 -25.10
CA THR C 10 -21.07 -8.57 -25.74
C THR C 10 -20.05 -8.78 -26.87
N LEU C 11 -18.87 -8.20 -26.75
CA LEU C 11 -17.83 -8.36 -27.77
C LEU C 11 -17.49 -9.83 -27.95
N SER C 12 -17.47 -10.27 -29.21
CA SER C 12 -17.24 -11.67 -29.54
C SER C 12 -16.44 -11.75 -30.82
N VAL C 13 -15.37 -12.54 -30.79
CA VAL C 13 -14.48 -12.72 -31.93
C VAL C 13 -14.09 -14.20 -32.02
N SER C 14 -14.11 -14.74 -33.23
CA SER C 14 -13.53 -16.05 -33.46
C SER C 14 -12.03 -15.97 -33.30
N PRO C 15 -11.36 -17.10 -33.04
CA PRO C 15 -9.90 -17.07 -32.86
C PRO C 15 -9.20 -16.43 -34.03
N GLY C 16 -8.31 -15.49 -33.71
CA GLY C 16 -7.62 -14.74 -34.75
C GLY C 16 -6.41 -14.03 -34.18
N GLU C 17 -5.69 -13.36 -35.07
CA GLU C 17 -4.47 -12.68 -34.67
C GLU C 17 -4.77 -11.48 -33.78
N ARG C 18 -5.90 -10.82 -34.00
CA ARG C 18 -6.21 -9.56 -33.32
C ARG C 18 -7.50 -9.71 -32.52
N ALA C 19 -7.49 -9.19 -31.30
CA ALA C 19 -8.68 -9.09 -30.45
C ALA C 19 -8.74 -7.70 -29.86
N THR C 20 -9.94 -7.14 -29.80
CA THR C 20 -10.13 -5.77 -29.35
C THR C 20 -11.12 -5.72 -28.20
N LEU C 21 -10.75 -5.01 -27.14
CA LEU C 21 -11.62 -4.74 -26.00
C LEU C 21 -11.50 -3.27 -25.65
N SER C 22 -12.55 -2.71 -25.05
CA SER C 22 -12.62 -1.28 -24.77
C SER C 22 -13.07 -1.04 -23.33
N CYS C 23 -12.71 0.12 -22.80
CA CYS C 23 -13.17 0.57 -21.49
C CYS C 23 -13.18 2.09 -21.45
N ARG C 24 -14.21 2.65 -20.83
CA ARG C 24 -14.37 4.09 -20.73
C ARG C 24 -14.71 4.48 -19.31
N ALA C 25 -14.49 5.76 -19.00
CA ALA C 25 -14.76 6.30 -17.68
C ALA C 25 -15.62 7.54 -17.81
N SER C 26 -16.40 7.82 -16.76
CA SER C 26 -17.23 9.03 -16.77
C SER C 26 -16.38 10.28 -16.53
N GLN C 27 -15.28 10.15 -15.81
CA GLN C 27 -14.38 11.27 -15.55
C GLN C 27 -12.95 10.90 -15.93
N SER C 28 -12.05 11.86 -15.73
CA SER C 28 -10.66 11.67 -16.12
C SER C 28 -10.00 10.60 -15.25
N VAL C 29 -9.24 9.72 -15.89
CA VAL C 29 -8.48 8.67 -15.22
C VAL C 29 -7.01 8.90 -15.53
N SER C 30 -6.18 8.98 -14.48
CA SER C 30 -4.75 9.24 -14.64
C SER C 30 -4.00 7.93 -14.89
N SER C 31 -4.50 7.18 -15.88
CA SER C 31 -3.86 5.94 -16.33
C SER C 31 -3.67 4.95 -15.19
N ASP C 32 -4.71 4.81 -14.36
CA ASP C 32 -4.69 3.87 -13.25
C ASP C 32 -5.58 2.67 -13.49
N LEU C 33 -5.68 2.20 -14.72
CA LEU C 33 -6.57 1.08 -15.04
C LEU C 33 -5.97 -0.25 -14.62
N ALA C 34 -6.82 -1.28 -14.63
CA ALA C 34 -6.39 -2.65 -14.44
C ALA C 34 -7.40 -3.57 -15.12
N TRP C 35 -6.90 -4.70 -15.61
CA TRP C 35 -7.74 -5.70 -16.27
C TRP C 35 -7.64 -7.00 -15.49
N TYR C 36 -8.78 -7.56 -15.12
CA TYR C 36 -8.84 -8.82 -14.41
C TYR C 36 -9.46 -9.88 -15.32
N GLN C 37 -8.78 -11.02 -15.44
CA GLN C 37 -9.30 -12.14 -16.23
C GLN C 37 -10.13 -13.04 -15.32
N GLN C 38 -11.44 -13.03 -15.53
CA GLN C 38 -12.37 -13.83 -14.74
C GLN C 38 -12.85 -14.98 -15.60
N LYS C 39 -12.26 -16.14 -15.41
CA LYS C 39 -12.67 -17.32 -16.18
C LYS C 39 -13.98 -17.87 -15.63
N ARG C 40 -14.68 -18.62 -16.48
CA ARG C 40 -15.97 -19.18 -16.09
C ARG C 40 -15.82 -20.11 -14.91
N GLY C 41 -16.54 -19.79 -13.83
CA GLY C 41 -16.41 -20.58 -12.61
C GLY C 41 -15.02 -20.55 -12.02
N GLN C 42 -14.38 -19.39 -12.01
CA GLN C 42 -13.03 -19.25 -11.51
C GLN C 42 -12.88 -17.93 -10.78
N ALA C 43 -11.88 -17.86 -9.92
CA ALA C 43 -11.56 -16.59 -9.27
C ALA C 43 -10.84 -15.68 -10.26
N PRO C 44 -11.05 -14.37 -10.15
CA PRO C 44 -10.36 -13.44 -11.06
C PRO C 44 -8.86 -13.44 -10.81
N ARG C 45 -8.11 -13.06 -11.84
CA ARG C 45 -6.66 -12.91 -11.75
C ARG C 45 -6.26 -11.59 -12.40
N LEU C 46 -5.29 -10.91 -11.80
CA LEU C 46 -4.82 -9.64 -12.34
C LEU C 46 -4.05 -9.86 -13.63
N LEU C 47 -4.25 -8.96 -14.60
CA LEU C 47 -3.58 -9.01 -15.88
C LEU C 47 -2.66 -7.83 -16.12
N ILE C 48 -3.15 -6.60 -15.92
CA ILE C 48 -2.39 -5.38 -16.17
C ILE C 48 -2.47 -4.53 -14.91
N TYR C 49 -1.47 -4.65 -14.03
CA TYR C 49 -1.50 -3.88 -12.80
C TYR C 49 -1.33 -2.39 -13.07
N GLY C 50 -0.55 -2.06 -14.10
CA GLY C 50 -0.51 -0.70 -14.59
C GLY C 50 -1.61 -0.44 -15.59
N ALA C 51 -1.57 0.74 -16.20
CA ALA C 51 -2.48 1.03 -17.30
C ALA C 51 -2.18 0.12 -18.48
N SER C 52 -0.90 -0.10 -18.78
CA SER C 52 -0.49 -0.96 -19.90
C SER C 52 0.62 -1.93 -19.53
N THR C 53 1.16 -1.87 -18.31
CA THR C 53 2.23 -2.77 -17.90
C THR C 53 1.63 -4.10 -17.45
N ARG C 54 1.92 -5.16 -18.20
CA ARG C 54 1.31 -6.45 -17.93
C ARG C 54 1.90 -7.07 -16.64
N ALA C 55 1.22 -8.10 -16.15
CA ALA C 55 1.50 -8.64 -14.83
C ALA C 55 2.81 -9.42 -14.80
N THR C 56 3.21 -9.80 -13.58
CA THR C 56 4.45 -10.54 -13.38
C THR C 56 4.32 -12.01 -13.74
N GLY C 57 3.09 -12.46 -14.03
CA GLY C 57 2.89 -13.89 -14.29
C GLY C 57 3.32 -14.26 -15.68
N ILE C 58 2.38 -14.80 -16.47
CA ILE C 58 2.75 -15.06 -17.90
C ILE C 58 1.67 -14.44 -18.77
N PRO C 59 1.53 -13.11 -18.83
CA PRO C 59 0.58 -12.50 -19.74
C PRO C 59 1.30 -12.27 -21.07
N ALA C 60 1.94 -13.32 -21.60
CA ALA C 60 2.65 -13.16 -22.88
C ALA C 60 1.67 -13.04 -24.04
N ARG C 61 1.83 -12.03 -24.91
CA ARG C 61 0.88 -11.77 -26.03
C ARG C 61 -0.34 -11.00 -25.54
N PHE C 62 -0.34 -10.53 -24.29
CA PHE C 62 -1.46 -9.69 -23.77
C PHE C 62 -0.88 -8.29 -23.59
N SER C 63 -1.54 -7.27 -24.14
CA SER C 63 -0.90 -5.94 -24.10
C SER C 63 -1.90 -4.83 -23.83
N GLY C 64 -1.78 -4.17 -22.67
CA GLY C 64 -2.64 -3.04 -22.43
C GLY C 64 -2.21 -1.82 -23.22
N SER C 65 -3.14 -0.89 -23.39
CA SER C 65 -2.87 0.34 -24.12
C SER C 65 -3.97 1.36 -23.81
N GLY C 66 -3.62 2.63 -23.96
CA GLY C 66 -4.58 3.71 -23.80
C GLY C 66 -4.37 4.48 -22.52
N SER C 67 -4.82 5.74 -22.53
CA SER C 67 -4.74 6.61 -21.38
C SER C 67 -5.89 7.62 -21.44
N GLY C 68 -6.21 8.18 -20.29
CA GLY C 68 -7.30 9.14 -20.23
C GLY C 68 -8.66 8.48 -20.06
N THR C 69 -9.63 8.96 -20.82
CA THR C 69 -10.98 8.40 -20.75
C THR C 69 -11.06 7.05 -21.45
N GLU C 70 -10.38 6.91 -22.58
CA GLU C 70 -10.49 5.72 -23.42
C GLU C 70 -9.36 4.75 -23.11
N PHE C 71 -9.72 3.48 -22.94
CA PHE C 71 -8.75 2.41 -22.74
C PHE C 71 -9.10 1.24 -23.62
N THR C 72 -8.08 0.48 -24.02
CA THR C 72 -8.27 -0.67 -24.89
C THR C 72 -7.27 -1.76 -24.54
N LEU C 73 -7.61 -2.99 -24.91
CA LEU C 73 -6.76 -4.14 -24.70
C LEU C 73 -6.71 -4.95 -26.00
N THR C 74 -5.53 -5.44 -26.34
CA THR C 74 -5.34 -6.28 -27.52
C THR C 74 -4.45 -7.46 -27.17
N ILE C 75 -4.75 -8.61 -27.78
CA ILE C 75 -4.00 -9.84 -27.53
C ILE C 75 -3.70 -10.49 -28.88
N SER C 76 -2.42 -10.79 -29.12
CA SER C 76 -2.04 -11.37 -30.40
C SER C 76 -2.43 -12.84 -30.49
N SER C 77 -2.21 -13.60 -29.43
CA SER C 77 -2.41 -15.04 -29.43
C SER C 77 -3.70 -15.36 -28.67
N LEU C 78 -4.81 -15.38 -29.39
CA LEU C 78 -6.11 -15.69 -28.78
C LEU C 78 -6.30 -17.21 -28.75
N GLN C 79 -5.78 -17.82 -27.68
CA GLN C 79 -6.01 -19.22 -27.43
C GLN C 79 -7.38 -19.43 -26.79
N SER C 80 -7.88 -20.67 -26.86
CA SER C 80 -9.19 -20.97 -26.31
C SER C 80 -9.23 -20.74 -24.81
N GLU C 81 -8.17 -21.10 -24.10
CA GLU C 81 -8.19 -21.04 -22.64
C GLU C 81 -8.31 -19.61 -22.14
N ASP C 82 -7.63 -18.67 -22.79
CA ASP C 82 -7.61 -17.29 -22.27
C ASP C 82 -8.95 -16.60 -22.48
N PHE C 83 -9.85 -17.21 -23.26
CA PHE C 83 -11.18 -16.65 -23.45
C PHE C 83 -11.94 -16.64 -22.14
N ALA C 84 -12.31 -15.45 -21.68
CA ALA C 84 -12.99 -15.29 -20.39
C ALA C 84 -13.57 -13.89 -20.33
N VAL C 85 -14.17 -13.58 -19.18
CA VAL C 85 -14.73 -12.25 -18.96
C VAL C 85 -13.67 -11.36 -18.34
N TYR C 86 -13.40 -10.22 -18.97
CA TYR C 86 -12.37 -9.30 -18.52
C TYR C 86 -13.02 -8.07 -17.91
N TYR C 87 -12.82 -7.87 -16.61
CA TYR C 87 -13.44 -6.79 -15.87
C TYR C 87 -12.50 -5.61 -15.80
N CYS C 88 -12.81 -4.56 -16.56
CA CYS C 88 -12.08 -3.31 -16.44
C CYS C 88 -12.21 -2.78 -15.02
N GLN C 89 -11.11 -2.23 -14.48
CA GLN C 89 -11.08 -1.73 -13.11
C GLN C 89 -10.32 -0.42 -13.05
N GLN C 90 -10.89 0.54 -12.35
CA GLN C 90 -10.29 1.87 -12.22
C GLN C 90 -10.13 2.21 -10.75
N TYR C 91 -8.95 2.70 -10.37
CA TYR C 91 -8.67 3.12 -9.01
C TYR C 91 -7.97 4.47 -8.94
N ASN C 92 -8.17 5.32 -9.96
CA ASN C 92 -7.63 6.67 -9.89
C ASN C 92 -8.29 7.48 -8.79
N ASN C 93 -9.61 7.36 -8.65
CA ASN C 93 -10.38 8.05 -7.63
C ASN C 93 -10.91 7.11 -6.56
N PHE C 94 -11.57 6.03 -6.96
CA PHE C 94 -12.07 5.04 -6.04
C PHE C 94 -12.23 3.73 -6.80
N ILE C 95 -12.24 2.63 -6.07
CA ILE C 95 -12.38 1.33 -6.71
C ILE C 95 -13.74 1.26 -7.39
N ALA C 96 -13.73 1.21 -8.73
CA ALA C 96 -14.94 1.21 -9.53
C ALA C 96 -14.83 0.13 -10.59
N PHE C 97 -15.65 -0.90 -10.47
CA PHE C 97 -15.65 -2.02 -11.40
C PHE C 97 -16.56 -1.73 -12.58
N GLY C 98 -16.06 -1.98 -13.78
CA GLY C 98 -16.92 -1.97 -14.95
C GLY C 98 -17.86 -3.16 -14.94
N GLN C 99 -18.98 -3.03 -15.66
CA GLN C 99 -19.99 -4.09 -15.65
C GLN C 99 -19.42 -5.40 -16.17
N GLY C 100 -18.37 -5.35 -16.98
CA GLY C 100 -17.75 -6.55 -17.47
C GLY C 100 -17.92 -6.76 -18.96
N THR C 101 -16.89 -7.29 -19.61
CA THR C 101 -16.93 -7.58 -21.04
C THR C 101 -16.71 -9.07 -21.26
N ARG C 102 -17.77 -9.77 -21.62
CA ARG C 102 -17.64 -11.15 -22.02
C ARG C 102 -16.98 -11.23 -23.40
N LEU C 103 -16.24 -12.31 -23.62
CA LEU C 103 -15.63 -12.59 -24.91
C LEU C 103 -16.10 -13.96 -25.38
N GLU C 104 -16.58 -14.02 -26.63
CA GLU C 104 -17.14 -15.23 -27.19
C GLU C 104 -16.51 -15.54 -28.53
N ILE C 105 -16.72 -16.77 -29.01
CA ILE C 105 -16.03 -17.30 -30.17
C ILE C 105 -16.75 -16.97 -31.48
N LYS C 106 -17.80 -16.15 -31.43
CA LYS C 106 -18.59 -15.85 -32.62
C LYS C 106 -17.73 -15.27 -33.74
C1 NAG D . 27.18 -2.94 13.79
C2 NAG D . 27.54 -3.53 12.42
C3 NAG D . 29.02 -3.32 12.13
C4 NAG D . 29.39 -1.85 12.28
C5 NAG D . 28.94 -1.32 13.64
C6 NAG D . 29.15 0.16 13.81
C7 NAG D . 26.08 -5.39 11.76
C8 NAG D . 25.88 -6.87 11.79
N2 NAG D . 27.20 -4.94 12.35
O3 NAG D . 29.32 -3.76 10.81
O4 NAG D . 30.80 -1.69 12.17
O5 NAG D . 27.54 -1.56 13.82
O6 NAG D . 28.61 0.63 15.03
O7 NAG D . 25.27 -4.64 11.23
#